data_6NK9
#
_entry.id   6NK9
#
_entity_poly.entity_id   1
_entity_poly.type   'polypeptide(L)'
_entity_poly.pdbx_seq_one_letter_code
;CGGAGAKCSTKSDCCSGLWCSGSGHCYHRRYT
;
_entity_poly.pdbx_strand_id   A
#
# COMPACT_ATOMS: atom_id res chain seq x y z
N CYS A 1 1.37 10.05 1.81
CA CYS A 1 0.94 8.70 1.36
C CYS A 1 1.05 7.68 2.48
N GLY A 2 0.44 6.52 2.26
CA GLY A 2 0.59 5.39 3.16
C GLY A 2 2.01 4.88 3.22
N GLY A 3 2.26 3.77 2.56
CA GLY A 3 3.59 3.20 2.50
C GLY A 3 3.60 1.72 2.76
N ALA A 4 4.77 1.12 2.75
CA ALA A 4 4.91 -0.31 2.96
C ALA A 4 4.56 -0.67 4.41
N GLY A 5 3.52 -1.47 4.58
CA GLY A 5 3.11 -1.89 5.90
C GLY A 5 2.12 -0.95 6.52
N ALA A 6 1.66 0.04 5.76
CA ALA A 6 0.68 0.99 6.24
C ALA A 6 -0.72 0.49 5.94
N LYS A 7 -1.60 0.61 6.94
CA LYS A 7 -3.00 0.19 6.79
C LYS A 7 -3.66 0.94 5.64
N CYS A 8 -4.48 0.24 4.88
CA CYS A 8 -5.09 0.80 3.69
C CYS A 8 -6.53 0.32 3.54
N SER A 9 -7.34 1.12 2.86
CA SER A 9 -8.66 0.70 2.44
C SER A 9 -8.65 0.42 0.94
N THR A 10 -7.87 1.23 0.25
CA THR A 10 -7.62 1.06 -1.18
C THR A 10 -6.13 1.20 -1.44
N LYS A 11 -5.69 1.01 -2.67
CA LYS A 11 -4.28 1.20 -2.98
C LYS A 11 -3.98 2.69 -3.08
N SER A 12 -5.04 3.48 -3.20
CA SER A 12 -4.91 4.94 -3.26
C SER A 12 -4.62 5.52 -1.89
N ASP A 13 -4.62 4.66 -0.87
CA ASP A 13 -4.26 5.07 0.49
C ASP A 13 -2.74 5.08 0.64
N CYS A 14 -2.06 4.68 -0.41
CA CYS A 14 -0.61 4.69 -0.45
C CYS A 14 -0.15 5.24 -1.80
N CYS A 15 1.10 5.69 -1.88
CA CYS A 15 1.63 6.21 -3.14
C CYS A 15 1.74 5.10 -4.17
N SER A 16 1.63 5.46 -5.44
CA SER A 16 1.70 4.51 -6.53
C SER A 16 3.01 3.73 -6.48
N GLY A 17 2.93 2.55 -5.89
CA GLY A 17 4.09 1.72 -5.68
C GLY A 17 3.84 0.75 -4.56
N LEU A 18 3.16 1.23 -3.54
CA LEU A 18 2.72 0.39 -2.45
C LEU A 18 1.27 0.03 -2.66
N TRP A 19 1.02 -1.24 -2.95
CA TRP A 19 -0.32 -1.69 -3.29
C TRP A 19 -1.01 -2.28 -2.07
N CYS A 20 -2.32 -2.13 -2.01
CA CYS A 20 -3.08 -2.54 -0.85
C CYS A 20 -3.46 -4.01 -0.93
N SER A 21 -3.03 -4.80 0.04
CA SER A 21 -3.36 -6.21 0.09
C SER A 21 -4.81 -6.38 0.54
N GLY A 22 -5.72 -6.38 -0.43
CA GLY A 22 -7.13 -6.49 -0.13
C GLY A 22 -7.66 -5.21 0.47
N SER A 23 -7.56 -5.10 1.78
CA SER A 23 -7.98 -3.91 2.50
C SER A 23 -7.29 -3.85 3.86
N GLY A 24 -6.11 -4.44 3.93
CA GLY A 24 -5.38 -4.48 5.18
C GLY A 24 -4.26 -3.47 5.23
N HIS A 25 -3.11 -3.84 4.69
CA HIS A 25 -1.95 -2.96 4.67
C HIS A 25 -1.22 -3.05 3.33
N CYS A 26 -0.68 -1.92 2.89
CA CYS A 26 0.03 -1.83 1.63
C CYS A 26 1.33 -2.63 1.65
N TYR A 27 1.63 -3.28 0.54
CA TYR A 27 2.88 -4.00 0.40
C TYR A 27 3.75 -3.33 -0.66
N HIS A 28 5.06 -3.44 -0.49
CA HIS A 28 6.00 -2.74 -1.36
C HIS A 28 6.22 -3.48 -2.68
N ARG A 29 5.18 -3.51 -3.51
CA ARG A 29 5.24 -4.16 -4.82
C ARG A 29 6.31 -3.49 -5.67
N ARG A 30 6.14 -2.19 -5.87
CA ARG A 30 7.09 -1.40 -6.64
C ARG A 30 8.31 -1.06 -5.80
N TYR A 31 8.29 -1.53 -4.56
CA TYR A 31 9.32 -1.22 -3.55
C TYR A 31 9.19 0.23 -3.08
N THR A 32 9.33 1.14 -4.01
CA THR A 32 9.14 2.56 -3.75
C THR A 32 8.82 3.28 -5.06
N CYS A 1 -0.19 9.41 1.40
CA CYS A 1 0.30 8.10 0.90
C CYS A 1 0.61 7.16 2.05
N GLY A 2 1.05 5.96 1.71
CA GLY A 2 1.26 4.93 2.69
C GLY A 2 2.45 4.08 2.35
N GLY A 3 3.31 3.85 3.33
CA GLY A 3 4.47 3.03 3.12
C GLY A 3 4.16 1.56 3.28
N ALA A 4 5.17 0.72 3.11
CA ALA A 4 5.01 -0.71 3.32
C ALA A 4 4.64 -0.98 4.77
N GLY A 5 3.47 -1.57 4.98
CA GLY A 5 3.02 -1.86 6.32
C GLY A 5 1.90 -0.93 6.76
N ALA A 6 1.65 0.10 5.98
CA ALA A 6 0.60 1.07 6.32
C ALA A 6 -0.78 0.47 6.12
N LYS A 7 -1.68 0.73 7.05
CA LYS A 7 -3.04 0.24 6.96
C LYS A 7 -3.79 0.98 5.86
N CYS A 8 -4.58 0.25 5.10
CA CYS A 8 -5.26 0.81 3.96
C CYS A 8 -6.56 0.06 3.68
N SER A 9 -7.59 0.80 3.31
CA SER A 9 -8.83 0.20 2.85
C SER A 9 -8.84 0.25 1.32
N THR A 10 -8.10 1.21 0.79
CA THR A 10 -7.92 1.36 -0.64
C THR A 10 -6.44 1.43 -0.97
N LYS A 11 -6.07 1.04 -2.19
CA LYS A 11 -4.68 1.09 -2.60
C LYS A 11 -4.31 2.46 -3.13
N SER A 12 -5.32 3.27 -3.43
CA SER A 12 -5.09 4.66 -3.80
C SER A 12 -4.70 5.49 -2.57
N ASP A 13 -4.76 4.85 -1.41
CA ASP A 13 -4.36 5.48 -0.15
C ASP A 13 -2.84 5.66 -0.13
N CYS A 14 -2.15 4.64 -0.61
CA CYS A 14 -0.69 4.66 -0.64
C CYS A 14 -0.20 5.20 -1.98
N CYS A 15 1.10 5.47 -2.07
CA CYS A 15 1.68 6.07 -3.27
C CYS A 15 1.88 5.02 -4.35
N SER A 16 1.85 5.48 -5.60
CA SER A 16 1.98 4.61 -6.76
C SER A 16 3.27 3.79 -6.69
N GLY A 17 3.10 2.48 -6.53
CA GLY A 17 4.22 1.59 -6.37
C GLY A 17 4.08 0.77 -5.10
N LEU A 18 3.39 1.36 -4.14
CA LEU A 18 3.06 0.67 -2.90
C LEU A 18 1.56 0.42 -2.88
N TRP A 19 1.18 -0.83 -2.99
CA TRP A 19 -0.23 -1.18 -3.16
C TRP A 19 -0.75 -1.91 -1.94
N CYS A 20 -2.07 -1.83 -1.76
CA CYS A 20 -2.72 -2.40 -0.60
C CYS A 20 -3.00 -3.89 -0.81
N SER A 21 -3.00 -4.65 0.29
CA SER A 21 -3.21 -6.09 0.22
C SER A 21 -4.71 -6.43 0.19
N GLY A 22 -5.47 -5.65 -0.56
CA GLY A 22 -6.91 -5.85 -0.59
C GLY A 22 -7.57 -5.46 0.70
N SER A 23 -7.58 -4.16 0.98
CA SER A 23 -8.12 -3.62 2.23
C SER A 23 -7.37 -4.21 3.43
N GLY A 24 -6.07 -3.96 3.47
CA GLY A 24 -5.26 -4.47 4.56
C GLY A 24 -4.09 -3.56 4.86
N HIS A 25 -2.91 -3.94 4.39
CA HIS A 25 -1.71 -3.14 4.58
C HIS A 25 -0.93 -3.06 3.28
N CYS A 26 -0.47 -1.87 2.95
CA CYS A 26 0.33 -1.68 1.74
C CYS A 26 1.68 -2.38 1.89
N TYR A 27 2.27 -2.74 0.76
CA TYR A 27 3.52 -3.47 0.78
C TYR A 27 4.39 -3.07 -0.40
N HIS A 28 5.65 -3.49 -0.38
CA HIS A 28 6.59 -3.18 -1.44
C HIS A 28 6.25 -3.96 -2.70
N ARG A 29 5.28 -3.48 -3.46
CA ARG A 29 4.83 -4.17 -4.66
C ARG A 29 5.76 -3.82 -5.82
N ARG A 30 5.80 -2.54 -6.17
CA ARG A 30 6.69 -2.08 -7.24
C ARG A 30 7.84 -1.26 -6.64
N TYR A 31 7.53 -0.48 -5.62
CA TYR A 31 8.56 0.28 -4.92
C TYR A 31 9.13 -0.58 -3.81
N THR A 32 10.36 -1.02 -3.99
CA THR A 32 11.02 -1.87 -3.02
C THR A 32 12.09 -1.12 -2.25
N CYS A 1 0.87 9.92 2.03
CA CYS A 1 0.67 8.55 1.53
C CYS A 1 0.84 7.53 2.64
N GLY A 2 0.34 6.33 2.40
CA GLY A 2 0.60 5.21 3.29
C GLY A 2 2.05 4.79 3.29
N GLY A 3 2.31 3.63 2.72
CA GLY A 3 3.66 3.11 2.68
C GLY A 3 3.68 1.61 2.93
N ALA A 4 4.87 1.04 3.08
CA ALA A 4 4.99 -0.39 3.31
C ALA A 4 4.57 -0.73 4.74
N GLY A 5 3.51 -1.53 4.84
CA GLY A 5 3.00 -1.92 6.14
C GLY A 5 1.99 -0.93 6.68
N ALA A 6 1.56 -0.01 5.82
CA ALA A 6 0.57 0.98 6.22
C ALA A 6 -0.83 0.44 6.02
N LYS A 7 -1.73 0.76 6.94
CA LYS A 7 -3.10 0.31 6.85
C LYS A 7 -3.82 1.02 5.70
N CYS A 8 -4.60 0.26 4.97
CA CYS A 8 -5.25 0.78 3.77
C CYS A 8 -6.61 0.15 3.55
N SER A 9 -7.47 0.85 2.83
CA SER A 9 -8.74 0.31 2.40
C SER A 9 -8.73 0.17 0.88
N THR A 10 -7.98 1.07 0.25
CA THR A 10 -7.76 1.03 -1.19
C THR A 10 -6.26 1.21 -1.46
N LYS A 11 -5.85 1.11 -2.72
CA LYS A 11 -4.45 1.38 -3.05
C LYS A 11 -4.16 2.86 -3.00
N SER A 12 -5.23 3.66 -3.11
CA SER A 12 -5.12 5.12 -3.11
C SER A 12 -4.69 5.64 -1.73
N ASP A 13 -4.82 4.80 -0.71
CA ASP A 13 -4.37 5.15 0.63
C ASP A 13 -2.86 5.20 0.69
N CYS A 14 -2.21 4.68 -0.34
CA CYS A 14 -0.76 4.63 -0.40
C CYS A 14 -0.26 5.17 -1.74
N CYS A 15 1.00 5.59 -1.76
CA CYS A 15 1.61 6.15 -2.97
C CYS A 15 1.85 5.06 -4.01
N SER A 16 1.92 5.48 -5.27
CA SER A 16 2.08 4.57 -6.40
C SER A 16 3.35 3.73 -6.27
N GLY A 17 3.17 2.49 -5.89
CA GLY A 17 4.30 1.61 -5.64
C GLY A 17 4.00 0.70 -4.46
N LEU A 18 3.23 1.24 -3.52
CA LEU A 18 2.73 0.45 -2.41
C LEU A 18 1.29 0.07 -2.68
N TRP A 19 1.04 -1.22 -2.84
CA TRP A 19 -0.29 -1.71 -3.17
C TRP A 19 -0.95 -2.32 -1.95
N CYS A 20 -2.26 -2.14 -1.85
CA CYS A 20 -3.00 -2.57 -0.67
C CYS A 20 -3.30 -4.06 -0.75
N SER A 21 -2.73 -4.82 0.19
CA SER A 21 -2.99 -6.25 0.28
C SER A 21 -4.29 -6.48 1.04
N GLY A 22 -4.84 -7.68 0.89
CA GLY A 22 -6.13 -8.02 1.50
C GLY A 22 -6.07 -8.06 3.02
N SER A 23 -4.87 -7.91 3.57
CA SER A 23 -4.69 -7.86 5.01
C SER A 23 -4.93 -6.45 5.54
N GLY A 24 -5.16 -5.52 4.61
CA GLY A 24 -5.38 -4.15 5.00
C GLY A 24 -4.08 -3.40 5.19
N HIS A 25 -3.03 -3.88 4.53
CA HIS A 25 -1.71 -3.25 4.61
C HIS A 25 -1.10 -3.14 3.22
N CYS A 26 -0.50 -2.00 2.93
CA CYS A 26 0.18 -1.79 1.66
C CYS A 26 1.54 -2.47 1.67
N TYR A 27 1.91 -3.07 0.54
CA TYR A 27 3.24 -3.66 0.40
C TYR A 27 3.96 -3.07 -0.81
N HIS A 28 5.29 -3.13 -0.78
CA HIS A 28 6.14 -2.49 -1.78
C HIS A 28 6.19 -3.31 -3.06
N ARG A 29 5.08 -3.35 -3.79
CA ARG A 29 4.97 -4.19 -4.98
C ARG A 29 5.94 -3.72 -6.07
N ARG A 30 6.27 -2.43 -6.05
CA ARG A 30 7.22 -1.84 -7.01
C ARG A 30 8.48 -2.69 -7.11
N TYR A 31 8.94 -3.23 -5.99
CA TYR A 31 10.15 -4.03 -5.97
C TYR A 31 10.09 -5.06 -4.84
N THR A 32 9.43 -6.17 -5.09
CA THR A 32 9.33 -7.25 -4.13
C THR A 32 9.44 -8.60 -4.83
N CYS A 1 1.00 10.30 1.45
CA CYS A 1 0.37 8.99 1.21
C CYS A 1 0.79 8.00 2.29
N GLY A 2 0.25 6.80 2.21
CA GLY A 2 0.65 5.74 3.10
C GLY A 2 2.06 5.24 2.82
N GLY A 3 2.24 3.94 2.89
CA GLY A 3 3.54 3.35 2.68
C GLY A 3 3.54 1.87 2.97
N ALA A 4 4.73 1.28 3.00
CA ALA A 4 4.86 -0.16 3.20
C ALA A 4 4.52 -0.54 4.64
N GLY A 5 3.51 -1.39 4.78
CA GLY A 5 3.09 -1.84 6.09
C GLY A 5 2.00 -0.97 6.68
N ALA A 6 1.62 0.07 5.96
CA ALA A 6 0.59 0.98 6.43
C ALA A 6 -0.79 0.42 6.13
N LYS A 7 -1.75 0.72 7.01
CA LYS A 7 -3.12 0.25 6.83
C LYS A 7 -3.76 0.93 5.62
N CYS A 8 -4.63 0.22 4.94
CA CYS A 8 -5.25 0.73 3.74
C CYS A 8 -6.64 0.11 3.53
N SER A 9 -7.45 0.78 2.73
CA SER A 9 -8.69 0.21 2.26
C SER A 9 -8.62 0.08 0.75
N THR A 10 -7.73 0.88 0.17
CA THR A 10 -7.44 0.85 -1.24
C THR A 10 -5.96 1.15 -1.45
N LYS A 11 -5.44 0.91 -2.64
CA LYS A 11 -4.04 1.23 -2.92
C LYS A 11 -3.85 2.74 -2.95
N SER A 12 -4.95 3.45 -3.18
CA SER A 12 -4.92 4.91 -3.27
C SER A 12 -4.65 5.56 -1.91
N ASP A 13 -4.71 4.76 -0.85
CA ASP A 13 -4.36 5.24 0.49
C ASP A 13 -2.85 5.42 0.57
N CYS A 14 -2.13 4.74 -0.32
CA CYS A 14 -0.68 4.80 -0.34
C CYS A 14 -0.19 5.22 -1.72
N CYS A 15 1.09 5.50 -1.85
CA CYS A 15 1.65 5.89 -3.14
C CYS A 15 1.75 4.69 -4.08
N SER A 16 1.85 4.98 -5.36
CA SER A 16 1.69 4.00 -6.44
C SER A 16 2.59 2.78 -6.28
N GLY A 17 3.72 2.93 -5.60
CA GLY A 17 4.65 1.83 -5.45
C GLY A 17 4.16 0.80 -4.44
N LEU A 18 3.16 1.19 -3.66
CA LEU A 18 2.63 0.31 -2.62
C LEU A 18 1.23 -0.15 -3.00
N TRP A 19 1.04 -1.46 -3.05
CA TRP A 19 -0.27 -2.04 -3.34
C TRP A 19 -0.95 -2.44 -2.05
N CYS A 20 -2.27 -2.32 -1.99
CA CYS A 20 -3.00 -2.66 -0.78
C CYS A 20 -3.42 -4.12 -0.83
N SER A 21 -3.26 -4.83 0.28
CA SER A 21 -3.68 -6.22 0.36
C SER A 21 -5.21 -6.31 0.52
N GLY A 22 -5.93 -5.79 -0.46
CA GLY A 22 -7.37 -5.72 -0.39
C GLY A 22 -7.83 -4.57 0.46
N SER A 23 -7.65 -4.71 1.77
CA SER A 23 -7.97 -3.65 2.72
C SER A 23 -7.20 -3.88 4.02
N GLY A 24 -5.97 -4.35 3.88
CA GLY A 24 -5.16 -4.63 5.05
C GLY A 24 -3.98 -3.69 5.17
N HIS A 25 -2.90 -4.02 4.48
CA HIS A 25 -1.68 -3.23 4.53
C HIS A 25 -1.14 -2.98 3.13
N CYS A 26 -0.53 -1.83 2.93
CA CYS A 26 0.12 -1.50 1.68
C CYS A 26 1.49 -2.18 1.63
N TYR A 27 1.68 -3.07 0.67
CA TYR A 27 2.95 -3.75 0.52
C TYR A 27 3.73 -3.20 -0.67
N HIS A 28 5.05 -3.17 -0.56
CA HIS A 28 5.89 -2.59 -1.59
C HIS A 28 5.97 -3.50 -2.82
N ARG A 29 5.13 -3.21 -3.81
CA ARG A 29 5.10 -3.98 -5.04
C ARG A 29 6.06 -3.39 -6.06
N ARG A 30 6.01 -2.07 -6.20
CA ARG A 30 6.92 -1.37 -7.09
C ARG A 30 7.74 -0.36 -6.31
N TYR A 31 7.96 -0.67 -5.05
CA TYR A 31 8.79 0.15 -4.19
C TYR A 31 9.76 -0.77 -3.44
N THR A 32 10.35 -1.68 -4.18
CA THR A 32 11.27 -2.64 -3.63
C THR A 32 12.72 -2.22 -3.86
N CYS A 1 1.12 9.49 1.32
CA CYS A 1 0.97 8.08 0.91
C CYS A 1 1.14 7.15 2.10
N GLY A 2 0.34 6.09 2.11
CA GLY A 2 0.39 5.08 3.16
C GLY A 2 1.80 4.65 3.53
N GLY A 3 2.34 3.70 2.77
CA GLY A 3 3.67 3.21 3.04
C GLY A 3 3.69 1.71 3.18
N ALA A 4 4.88 1.13 3.24
CA ALA A 4 5.01 -0.31 3.38
C ALA A 4 4.64 -0.75 4.81
N GLY A 5 3.48 -1.38 4.92
CA GLY A 5 3.00 -1.82 6.21
C GLY A 5 1.96 -0.89 6.79
N ALA A 6 1.49 0.04 5.97
CA ALA A 6 0.45 0.97 6.39
C ALA A 6 -0.92 0.42 6.10
N LYS A 7 -1.82 0.53 7.07
CA LYS A 7 -3.18 0.04 6.90
C LYS A 7 -3.91 0.86 5.84
N CYS A 8 -4.71 0.19 5.04
CA CYS A 8 -5.34 0.82 3.90
C CYS A 8 -6.75 0.29 3.68
N SER A 9 -7.58 1.10 3.04
CA SER A 9 -8.90 0.67 2.62
C SER A 9 -8.89 0.47 1.11
N THR A 10 -8.03 1.24 0.47
CA THR A 10 -7.80 1.15 -0.96
C THR A 10 -6.31 1.15 -1.23
N LYS A 11 -5.89 0.75 -2.42
CA LYS A 11 -4.50 0.85 -2.80
C LYS A 11 -4.12 2.29 -3.06
N SER A 12 -5.14 3.13 -3.22
CA SER A 12 -4.95 4.55 -3.45
C SER A 12 -4.53 5.27 -2.16
N ASP A 13 -4.69 4.60 -1.02
CA ASP A 13 -4.24 5.15 0.26
C ASP A 13 -2.73 5.27 0.27
N CYS A 14 -2.09 4.50 -0.60
CA CYS A 14 -0.65 4.47 -0.69
C CYS A 14 -0.19 4.93 -2.07
N CYS A 15 1.10 5.23 -2.18
CA CYS A 15 1.69 5.66 -3.45
C CYS A 15 1.65 4.53 -4.48
N SER A 16 1.79 4.89 -5.76
CA SER A 16 1.64 3.96 -6.87
C SER A 16 2.72 2.88 -6.88
N GLY A 17 3.82 3.15 -6.17
CA GLY A 17 4.88 2.16 -6.05
C GLY A 17 4.52 1.07 -5.05
N LEU A 18 3.40 1.27 -4.38
CA LEU A 18 2.90 0.33 -3.39
C LEU A 18 1.47 -0.04 -3.74
N TRP A 19 0.90 -0.97 -3.00
CA TRP A 19 -0.51 -1.33 -3.16
C TRP A 19 -1.01 -2.07 -1.94
N CYS A 20 -2.33 -2.05 -1.77
CA CYS A 20 -2.95 -2.55 -0.56
C CYS A 20 -3.27 -4.04 -0.69
N SER A 21 -3.18 -4.76 0.43
CA SER A 21 -3.54 -6.16 0.48
C SER A 21 -5.06 -6.32 0.55
N GLY A 22 -5.74 -5.82 -0.48
CA GLY A 22 -7.18 -5.79 -0.46
C GLY A 22 -7.69 -4.61 0.33
N SER A 23 -7.68 -4.74 1.64
CA SER A 23 -8.05 -3.66 2.54
C SER A 23 -7.34 -3.85 3.89
N GLY A 24 -6.12 -4.36 3.82
CA GLY A 24 -5.36 -4.59 5.04
C GLY A 24 -4.23 -3.59 5.21
N HIS A 25 -3.10 -3.89 4.59
CA HIS A 25 -1.92 -3.03 4.68
C HIS A 25 -1.10 -3.09 3.40
N CYS A 26 -0.59 -1.96 2.99
CA CYS A 26 0.18 -1.84 1.76
C CYS A 26 1.52 -2.55 1.85
N TYR A 27 1.92 -3.19 0.77
CA TYR A 27 3.22 -3.82 0.69
C TYR A 27 3.91 -3.41 -0.61
N HIS A 28 5.23 -3.46 -0.61
CA HIS A 28 6.03 -2.92 -1.71
C HIS A 28 5.80 -3.65 -3.03
N ARG A 29 5.24 -2.95 -3.99
CA ARG A 29 5.03 -3.49 -5.33
C ARG A 29 6.21 -3.17 -6.22
N ARG A 30 6.53 -1.89 -6.33
CA ARG A 30 7.62 -1.43 -7.18
C ARG A 30 8.82 -1.01 -6.35
N TYR A 31 8.58 -0.17 -5.36
CA TYR A 31 9.65 0.33 -4.50
C TYR A 31 9.93 -0.65 -3.38
N THR A 32 10.85 -1.56 -3.62
CA THR A 32 11.17 -2.61 -2.68
C THR A 32 12.38 -2.23 -1.83
N CYS A 1 -0.56 9.48 0.38
CA CYS A 1 0.21 8.23 0.32
C CYS A 1 0.32 7.58 1.70
N GLY A 2 1.13 6.54 1.80
CA GLY A 2 1.23 5.76 3.02
C GLY A 2 2.61 5.18 3.18
N GLY A 3 2.77 3.92 2.82
CA GLY A 3 4.06 3.27 2.88
C GLY A 3 3.94 1.79 3.14
N ALA A 4 5.06 1.10 3.14
CA ALA A 4 5.06 -0.35 3.34
C ALA A 4 4.65 -0.69 4.76
N GLY A 5 3.51 -1.34 4.89
CA GLY A 5 3.01 -1.72 6.20
C GLY A 5 1.85 -0.84 6.65
N ALA A 6 1.69 0.31 6.00
CA ALA A 6 0.63 1.24 6.34
C ALA A 6 -0.73 0.62 6.09
N LYS A 7 -1.63 0.75 7.06
CA LYS A 7 -2.99 0.23 6.92
C LYS A 7 -3.72 0.92 5.78
N CYS A 8 -4.38 0.13 4.94
CA CYS A 8 -5.01 0.65 3.75
C CYS A 8 -6.39 0.02 3.54
N SER A 9 -7.22 0.72 2.77
CA SER A 9 -8.47 0.17 2.28
C SER A 9 -8.36 -0.05 0.77
N THR A 10 -7.50 0.77 0.17
CA THR A 10 -7.20 0.68 -1.25
C THR A 10 -5.74 1.07 -1.44
N LYS A 11 -5.18 0.84 -2.63
CA LYS A 11 -3.80 1.23 -2.89
C LYS A 11 -3.69 2.75 -2.95
N SER A 12 -4.84 3.41 -3.10
CA SER A 12 -4.90 4.87 -3.13
C SER A 12 -4.62 5.46 -1.74
N ASP A 13 -4.59 4.59 -0.73
CA ASP A 13 -4.25 5.01 0.63
C ASP A 13 -2.75 5.26 0.72
N CYS A 14 -2.01 4.73 -0.25
CA CYS A 14 -0.56 4.87 -0.28
C CYS A 14 -0.11 5.35 -1.67
N CYS A 15 1.20 5.47 -1.89
CA CYS A 15 1.70 5.89 -3.20
C CYS A 15 1.55 4.78 -4.23
N SER A 16 1.95 5.04 -5.47
CA SER A 16 1.82 4.06 -6.55
C SER A 16 2.74 2.86 -6.32
N GLY A 17 3.84 3.07 -5.60
CA GLY A 17 4.76 1.99 -5.31
C GLY A 17 4.21 1.03 -4.27
N LEU A 18 3.13 1.43 -3.62
CA LEU A 18 2.51 0.62 -2.59
C LEU A 18 1.12 0.18 -3.00
N TRP A 19 0.89 -1.12 -3.03
CA TRP A 19 -0.43 -1.64 -3.34
C TRP A 19 -1.06 -2.16 -2.06
N CYS A 20 -2.38 -2.23 -2.03
CA CYS A 20 -3.07 -2.63 -0.82
C CYS A 20 -3.38 -4.13 -0.85
N SER A 21 -3.16 -4.79 0.28
CA SER A 21 -3.34 -6.23 0.37
C SER A 21 -4.72 -6.60 0.90
N GLY A 22 -4.98 -7.89 1.05
CA GLY A 22 -6.27 -8.34 1.53
C GLY A 22 -6.50 -7.98 2.99
N SER A 23 -5.47 -8.13 3.80
CA SER A 23 -5.57 -7.83 5.22
C SER A 23 -5.59 -6.32 5.47
N GLY A 24 -5.16 -5.56 4.46
CA GLY A 24 -5.25 -4.13 4.54
C GLY A 24 -3.96 -3.46 4.95
N HIS A 25 -2.85 -3.92 4.41
CA HIS A 25 -1.56 -3.26 4.62
C HIS A 25 -0.87 -3.02 3.29
N CYS A 26 -0.47 -1.78 3.05
CA CYS A 26 0.23 -1.43 1.83
C CYS A 26 1.56 -2.19 1.74
N TYR A 27 1.77 -2.87 0.62
CA TYR A 27 3.01 -3.60 0.41
C TYR A 27 3.73 -3.04 -0.81
N HIS A 28 5.05 -3.14 -0.80
CA HIS A 28 5.86 -2.53 -1.86
C HIS A 28 5.87 -3.36 -3.14
N ARG A 29 4.73 -3.34 -3.83
CA ARG A 29 4.56 -4.10 -5.06
C ARG A 29 5.63 -3.76 -6.09
N ARG A 30 5.91 -2.47 -6.24
CA ARG A 30 6.86 -2.02 -7.25
C ARG A 30 8.29 -1.99 -6.69
N TYR A 31 8.48 -2.66 -5.55
CA TYR A 31 9.77 -2.75 -4.89
C TYR A 31 10.27 -1.37 -4.46
N THR A 32 9.94 -0.99 -3.23
CA THR A 32 10.30 0.31 -2.71
C THR A 32 10.15 0.31 -1.20
N CYS A 1 0.43 9.83 1.04
CA CYS A 1 0.44 8.38 0.76
C CYS A 1 0.73 7.59 2.03
N GLY A 2 0.08 6.44 2.16
CA GLY A 2 0.38 5.50 3.22
C GLY A 2 1.84 5.07 3.25
N GLY A 3 2.11 3.89 2.72
CA GLY A 3 3.47 3.40 2.67
C GLY A 3 3.54 1.91 2.94
N ALA A 4 4.74 1.36 2.94
CA ALA A 4 4.91 -0.08 3.14
C ALA A 4 4.53 -0.49 4.55
N GLY A 5 3.57 -1.41 4.65
CA GLY A 5 3.15 -1.92 5.93
C GLY A 5 2.08 -1.07 6.57
N ALA A 6 1.66 -0.02 5.86
CA ALA A 6 0.63 0.87 6.37
C ALA A 6 -0.75 0.29 6.11
N LYS A 7 -1.70 0.60 6.99
CA LYS A 7 -3.06 0.09 6.87
C LYS A 7 -3.80 0.85 5.77
N CYS A 8 -4.52 0.10 4.94
CA CYS A 8 -5.20 0.70 3.80
C CYS A 8 -6.56 0.04 3.58
N SER A 9 -7.51 0.83 3.08
CA SER A 9 -8.78 0.29 2.62
C SER A 9 -8.77 0.23 1.09
N THR A 10 -8.13 1.23 0.49
CA THR A 10 -7.88 1.23 -0.95
C THR A 10 -6.40 1.52 -1.18
N LYS A 11 -5.90 1.13 -2.35
CA LYS A 11 -4.49 1.34 -2.68
C LYS A 11 -4.23 2.82 -2.94
N SER A 12 -5.30 3.58 -3.14
CA SER A 12 -5.21 5.01 -3.36
C SER A 12 -4.69 5.73 -2.11
N ASP A 13 -4.75 5.04 -0.97
CA ASP A 13 -4.23 5.57 0.28
C ASP A 13 -2.72 5.77 0.17
N CYS A 14 -2.05 4.78 -0.37
CA CYS A 14 -0.61 4.80 -0.49
C CYS A 14 -0.21 5.17 -1.92
N CYS A 15 1.07 5.47 -2.11
CA CYS A 15 1.58 5.82 -3.44
C CYS A 15 1.68 4.54 -4.27
N SER A 16 1.83 4.71 -5.58
CA SER A 16 1.66 3.62 -6.54
C SER A 16 2.76 2.55 -6.42
N GLY A 17 3.77 2.80 -5.59
CA GLY A 17 4.76 1.78 -5.32
C GLY A 17 4.29 0.81 -4.26
N LEU A 18 3.34 1.26 -3.44
CA LEU A 18 2.79 0.43 -2.37
C LEU A 18 1.33 0.12 -2.65
N TRP A 19 1.03 -1.15 -2.87
CA TRP A 19 -0.34 -1.55 -3.21
C TRP A 19 -1.03 -2.15 -1.99
N CYS A 20 -2.34 -2.06 -1.95
CA CYS A 20 -3.11 -2.52 -0.80
C CYS A 20 -3.41 -4.01 -0.94
N SER A 21 -3.21 -4.75 0.15
CA SER A 21 -3.44 -6.19 0.16
C SER A 21 -4.92 -6.53 0.35
N GLY A 22 -5.78 -5.82 -0.37
CA GLY A 22 -7.21 -6.03 -0.23
C GLY A 22 -7.71 -5.56 1.11
N SER A 23 -7.66 -4.25 1.34
CA SER A 23 -8.11 -3.65 2.59
C SER A 23 -7.31 -4.22 3.78
N GLY A 24 -5.99 -4.10 3.70
CA GLY A 24 -5.14 -4.61 4.74
C GLY A 24 -3.93 -3.73 4.96
N HIS A 25 -2.87 -4.03 4.23
CA HIS A 25 -1.63 -3.27 4.33
C HIS A 25 -1.08 -2.97 2.94
N CYS A 26 -0.43 -1.84 2.80
CA CYS A 26 0.22 -1.48 1.55
C CYS A 26 1.58 -2.15 1.46
N TYR A 27 1.75 -3.04 0.50
CA TYR A 27 3.01 -3.74 0.32
C TYR A 27 3.83 -3.08 -0.78
N HIS A 28 5.14 -3.14 -0.65
CA HIS A 28 6.05 -2.53 -1.62
C HIS A 28 6.11 -3.36 -2.92
N ARG A 29 5.08 -3.20 -3.74
CA ARG A 29 4.96 -3.97 -4.98
C ARG A 29 6.14 -3.73 -5.90
N ARG A 30 6.57 -2.48 -5.99
CA ARG A 30 7.68 -2.11 -6.86
C ARG A 30 9.02 -2.34 -6.17
N TYR A 31 9.01 -3.23 -5.17
CA TYR A 31 10.22 -3.61 -4.44
C TYR A 31 10.92 -2.39 -3.85
N THR A 32 10.14 -1.46 -3.37
CA THR A 32 10.68 -0.26 -2.75
C THR A 32 10.58 -0.39 -1.22
N CYS A 1 0.05 9.71 1.06
CA CYS A 1 0.25 8.29 0.71
C CYS A 1 0.34 7.43 1.96
N GLY A 2 0.73 6.18 1.80
CA GLY A 2 0.78 5.27 2.92
C GLY A 2 2.19 4.78 3.16
N GLY A 3 2.55 3.69 2.51
CA GLY A 3 3.87 3.12 2.66
C GLY A 3 3.82 1.63 2.91
N ALA A 4 4.98 1.01 3.01
CA ALA A 4 5.04 -0.42 3.26
C ALA A 4 4.61 -0.74 4.68
N GLY A 5 3.50 -1.44 4.82
CA GLY A 5 2.99 -1.79 6.11
C GLY A 5 1.96 -0.80 6.62
N ALA A 6 1.68 0.21 5.80
CA ALA A 6 0.70 1.22 6.16
C ALA A 6 -0.71 0.66 6.04
N LYS A 7 -1.60 1.14 6.90
CA LYS A 7 -2.97 0.67 6.93
C LYS A 7 -3.75 1.21 5.74
N CYS A 8 -4.44 0.34 5.02
CA CYS A 8 -5.15 0.72 3.82
C CYS A 8 -6.44 -0.08 3.66
N SER A 9 -7.49 0.59 3.20
CA SER A 9 -8.70 -0.09 2.79
C SER A 9 -8.82 0.01 1.27
N THR A 10 -7.99 0.89 0.71
CA THR A 10 -7.88 1.08 -0.73
C THR A 10 -6.41 1.28 -1.08
N LYS A 11 -6.03 0.92 -2.30
CA LYS A 11 -4.65 1.09 -2.73
C LYS A 11 -4.35 2.54 -3.03
N SER A 12 -5.40 3.32 -3.24
CA SER A 12 -5.28 4.74 -3.52
C SER A 12 -4.76 5.49 -2.29
N ASP A 13 -4.82 4.84 -1.13
CA ASP A 13 -4.33 5.43 0.10
C ASP A 13 -2.81 5.58 0.03
N CYS A 14 -2.15 4.54 -0.47
CA CYS A 14 -0.70 4.53 -0.57
C CYS A 14 -0.23 5.02 -1.94
N CYS A 15 1.08 5.26 -2.08
CA CYS A 15 1.63 5.74 -3.34
C CYS A 15 1.67 4.64 -4.40
N SER A 16 2.24 4.95 -5.55
CA SER A 16 2.30 4.00 -6.65
C SER A 16 3.24 2.83 -6.35
N GLY A 17 4.22 3.08 -5.48
CA GLY A 17 5.20 2.06 -5.15
C GLY A 17 4.68 1.04 -4.17
N LEU A 18 3.67 1.43 -3.40
CA LEU A 18 3.09 0.56 -2.39
C LEU A 18 1.61 0.36 -2.65
N TRP A 19 1.22 -0.85 -2.96
CA TRP A 19 -0.18 -1.16 -3.23
C TRP A 19 -0.79 -1.87 -2.03
N CYS A 20 -2.10 -1.75 -1.90
CA CYS A 20 -2.80 -2.36 -0.77
C CYS A 20 -3.03 -3.84 -1.05
N SER A 21 -2.63 -4.68 -0.11
CA SER A 21 -2.73 -6.13 -0.27
C SER A 21 -4.18 -6.59 -0.15
N GLY A 22 -5.00 -5.77 0.50
CA GLY A 22 -6.36 -6.15 0.77
C GLY A 22 -6.53 -6.69 2.17
N SER A 23 -5.41 -7.03 2.79
CA SER A 23 -5.42 -7.54 4.15
C SER A 23 -5.51 -6.37 5.14
N GLY A 24 -5.25 -5.17 4.64
CA GLY A 24 -5.34 -4.00 5.48
C GLY A 24 -4.05 -3.21 5.54
N HIS A 25 -3.01 -3.72 4.89
CA HIS A 25 -1.71 -3.04 4.87
C HIS A 25 -1.14 -3.03 3.46
N CYS A 26 -0.47 -1.94 3.10
CA CYS A 26 0.17 -1.83 1.80
C CYS A 26 1.48 -2.61 1.76
N TYR A 27 1.79 -3.17 0.60
CA TYR A 27 3.00 -3.95 0.41
C TYR A 27 3.85 -3.34 -0.69
N HIS A 28 5.04 -3.88 -0.89
CA HIS A 28 5.99 -3.35 -1.86
C HIS A 28 5.58 -3.79 -3.26
N ARG A 29 5.03 -2.87 -4.05
CA ARG A 29 4.61 -3.21 -5.40
C ARG A 29 5.73 -2.96 -6.41
N ARG A 30 6.42 -1.86 -6.27
CA ARG A 30 7.51 -1.52 -7.18
C ARG A 30 8.87 -1.82 -6.54
N TYR A 31 8.87 -2.78 -5.62
CA TYR A 31 10.07 -3.14 -4.86
C TYR A 31 10.58 -1.92 -4.09
N THR A 32 9.65 -1.05 -3.73
CA THR A 32 9.97 0.16 -3.00
C THR A 32 10.08 -0.12 -1.51
N CYS A 1 -0.65 9.48 1.11
CA CYS A 1 0.01 8.25 0.64
C CYS A 1 0.31 7.31 1.80
N GLY A 2 1.05 6.26 1.52
CA GLY A 2 1.36 5.25 2.49
C GLY A 2 2.51 4.40 2.03
N GLY A 3 3.38 4.03 2.94
CA GLY A 3 4.50 3.18 2.59
C GLY A 3 4.20 1.72 2.86
N ALA A 4 5.24 0.91 2.95
CA ALA A 4 5.07 -0.51 3.19
C ALA A 4 4.65 -0.77 4.64
N GLY A 5 3.50 -1.41 4.80
CA GLY A 5 2.99 -1.68 6.13
C GLY A 5 1.91 -0.70 6.54
N ALA A 6 1.60 0.24 5.65
CA ALA A 6 0.57 1.22 5.92
C ALA A 6 -0.82 0.58 5.84
N LYS A 7 -1.69 0.91 6.78
CA LYS A 7 -3.04 0.37 6.79
C LYS A 7 -3.86 1.01 5.68
N CYS A 8 -4.68 0.21 5.02
CA CYS A 8 -5.39 0.68 3.84
C CYS A 8 -6.64 -0.14 3.55
N SER A 9 -7.56 0.45 2.80
CA SER A 9 -8.68 -0.27 2.25
C SER A 9 -8.57 -0.26 0.72
N THR A 10 -8.02 0.82 0.19
CA THR A 10 -7.74 0.94 -1.24
C THR A 10 -6.26 1.21 -1.45
N LYS A 11 -5.77 0.88 -2.64
CA LYS A 11 -4.35 1.07 -2.96
C LYS A 11 -4.05 2.53 -3.26
N SER A 12 -5.09 3.31 -3.51
CA SER A 12 -4.94 4.73 -3.77
C SER A 12 -4.67 5.47 -2.45
N ASP A 13 -4.86 4.76 -1.35
CA ASP A 13 -4.59 5.31 -0.03
C ASP A 13 -3.10 5.47 0.17
N CYS A 14 -2.35 4.51 -0.36
CA CYS A 14 -0.90 4.54 -0.33
C CYS A 14 -0.37 5.08 -1.65
N CYS A 15 0.94 5.23 -1.76
CA CYS A 15 1.53 5.75 -3.00
C CYS A 15 1.63 4.65 -4.05
N SER A 16 1.92 5.04 -5.28
CA SER A 16 1.89 4.12 -6.42
C SER A 16 2.68 2.83 -6.17
N GLY A 17 3.89 2.97 -5.62
CA GLY A 17 4.76 1.82 -5.42
C GLY A 17 4.28 0.89 -4.34
N LEU A 18 3.35 1.35 -3.52
CA LEU A 18 2.79 0.54 -2.45
C LEU A 18 1.37 0.14 -2.76
N TRP A 19 1.16 -1.14 -2.98
CA TRP A 19 -0.16 -1.67 -3.31
C TRP A 19 -0.81 -2.20 -2.05
N CYS A 20 -2.13 -2.05 -1.96
CA CYS A 20 -2.86 -2.42 -0.76
C CYS A 20 -3.23 -3.90 -0.78
N SER A 21 -2.74 -4.63 0.21
CA SER A 21 -3.06 -6.04 0.35
C SER A 21 -4.39 -6.19 1.07
N GLY A 22 -5.06 -7.32 0.84
CA GLY A 22 -6.33 -7.60 1.48
C GLY A 22 -6.20 -7.75 2.98
N SER A 23 -4.96 -7.86 3.46
CA SER A 23 -4.68 -7.92 4.88
C SER A 23 -4.64 -6.51 5.48
N GLY A 24 -5.14 -5.53 4.72
CA GLY A 24 -5.31 -4.19 5.23
C GLY A 24 -4.00 -3.42 5.33
N HIS A 25 -2.97 -3.87 4.63
CA HIS A 25 -1.68 -3.20 4.67
C HIS A 25 -1.06 -3.15 3.28
N CYS A 26 -0.44 -2.02 2.96
CA CYS A 26 0.23 -1.84 1.67
C CYS A 26 1.61 -2.49 1.67
N TYR A 27 1.98 -3.03 0.53
CA TYR A 27 3.29 -3.67 0.38
C TYR A 27 4.02 -3.10 -0.83
N HIS A 28 5.34 -3.16 -0.80
CA HIS A 28 6.16 -2.55 -1.85
C HIS A 28 6.25 -3.43 -3.09
N ARG A 29 5.16 -3.50 -3.85
CA ARG A 29 5.12 -4.33 -5.04
C ARG A 29 6.06 -3.80 -6.12
N ARG A 30 6.20 -2.48 -6.17
CA ARG A 30 7.10 -1.85 -7.12
C ARG A 30 8.54 -1.89 -6.61
N TYR A 31 8.69 -2.32 -5.35
CA TYR A 31 9.98 -2.36 -4.68
C TYR A 31 10.65 -0.98 -4.70
N THR A 32 9.88 0.02 -4.32
CA THR A 32 10.37 1.38 -4.27
C THR A 32 11.21 1.60 -3.01
N CYS A 1 0.82 9.82 0.77
CA CYS A 1 0.97 8.41 0.39
C CYS A 1 1.09 7.50 1.61
N GLY A 2 1.36 6.23 1.36
CA GLY A 2 1.48 5.25 2.40
C GLY A 2 2.55 4.24 2.06
N GLY A 3 3.53 4.09 2.95
CA GLY A 3 4.61 3.16 2.71
C GLY A 3 4.23 1.72 3.00
N ALA A 4 5.20 0.82 2.95
CA ALA A 4 4.96 -0.58 3.25
C ALA A 4 4.52 -0.75 4.69
N GLY A 5 3.45 -1.51 4.90
CA GLY A 5 2.94 -1.74 6.23
C GLY A 5 1.90 -0.72 6.64
N ALA A 6 1.61 0.22 5.74
CA ALA A 6 0.60 1.24 6.01
C ALA A 6 -0.79 0.65 5.87
N LYS A 7 -1.69 1.08 6.74
CA LYS A 7 -3.06 0.60 6.71
C LYS A 7 -3.83 1.26 5.58
N CYS A 8 -4.62 0.48 4.88
CA CYS A 8 -5.27 0.93 3.67
C CYS A 8 -6.66 0.34 3.54
N SER A 9 -7.58 1.15 3.01
CA SER A 9 -8.88 0.65 2.62
C SER A 9 -8.82 0.30 1.14
N THR A 10 -8.04 1.09 0.41
CA THR A 10 -7.75 0.84 -0.98
C THR A 10 -6.28 1.10 -1.25
N LYS A 11 -5.85 0.90 -2.49
CA LYS A 11 -4.46 1.17 -2.87
C LYS A 11 -4.17 2.67 -2.84
N SER A 12 -5.22 3.47 -2.96
CA SER A 12 -5.09 4.92 -3.01
C SER A 12 -4.79 5.49 -1.61
N ASP A 13 -4.84 4.63 -0.61
CA ASP A 13 -4.45 5.01 0.76
C ASP A 13 -2.94 5.05 0.86
N CYS A 14 -2.28 4.55 -0.17
CA CYS A 14 -0.84 4.52 -0.22
C CYS A 14 -0.34 5.11 -1.54
N CYS A 15 0.94 4.93 -1.84
CA CYS A 15 1.50 5.47 -3.07
C CYS A 15 1.36 4.47 -4.22
N SER A 16 1.79 4.84 -5.42
CA SER A 16 1.68 3.96 -6.57
C SER A 16 2.66 2.79 -6.47
N GLY A 17 3.70 2.96 -5.67
CA GLY A 17 4.65 1.89 -5.46
C GLY A 17 4.18 0.89 -4.41
N LEU A 18 3.29 1.35 -3.53
CA LEU A 18 2.79 0.51 -2.45
C LEU A 18 1.34 0.12 -2.74
N TRP A 19 1.15 -1.15 -2.99
CA TRP A 19 -0.18 -1.66 -3.31
C TRP A 19 -0.83 -2.27 -2.09
N CYS A 20 -2.10 -1.97 -1.89
CA CYS A 20 -2.84 -2.46 -0.75
C CYS A 20 -3.27 -3.91 -0.97
N SER A 21 -3.00 -4.77 0.01
CA SER A 21 -3.42 -6.15 -0.07
C SER A 21 -4.91 -6.27 0.25
N GLY A 22 -5.73 -5.91 -0.72
CA GLY A 22 -7.17 -5.97 -0.55
C GLY A 22 -7.69 -4.78 0.24
N SER A 23 -7.56 -4.85 1.55
CA SER A 23 -8.05 -3.80 2.43
C SER A 23 -7.40 -3.92 3.81
N GLY A 24 -6.10 -4.17 3.82
CA GLY A 24 -5.41 -4.35 5.08
C GLY A 24 -4.18 -3.46 5.18
N HIS A 25 -3.06 -3.94 4.66
CA HIS A 25 -1.83 -3.17 4.66
C HIS A 25 -1.21 -3.16 3.26
N CYS A 26 -0.46 -2.10 2.98
CA CYS A 26 0.21 -1.95 1.71
C CYS A 26 1.58 -2.62 1.71
N TYR A 27 1.98 -3.14 0.55
CA TYR A 27 3.28 -3.77 0.40
C TYR A 27 4.02 -3.10 -0.77
N HIS A 28 5.34 -3.17 -0.75
CA HIS A 28 6.13 -2.47 -1.76
C HIS A 28 6.27 -3.27 -3.05
N ARG A 29 5.18 -3.29 -3.81
CA ARG A 29 5.09 -4.01 -5.06
C ARG A 29 6.21 -3.60 -6.02
N ARG A 30 6.35 -2.30 -6.22
CA ARG A 30 7.34 -1.76 -7.15
C ARG A 30 8.71 -1.58 -6.51
N TYR A 31 9.00 -2.43 -5.52
CA TYR A 31 10.29 -2.41 -4.81
C TYR A 31 10.55 -1.06 -4.17
N THR A 32 9.58 -0.58 -3.42
CA THR A 32 9.73 0.66 -2.68
C THR A 32 10.30 0.37 -1.29
#